data_6XR1
#
_entry.id   6XR1
#
_cell.length_a   52.513
_cell.length_b   85.492
_cell.length_c   56.078
_cell.angle_alpha   90.000
_cell.angle_beta   103.550
_cell.angle_gamma   90.000
#
_symmetry.space_group_name_H-M   'P 1 21 1'
#
loop_
_entity.id
_entity.type
_entity.pdbx_description
1 polymer dTor_9x57R
2 water water
#
_entity_poly.entity_id   1
_entity_poly.type   'polypeptide(L)'
_entity_poly.pdbx_seq_one_letter_code
;GNLELALKALQILVNAAYVLAEIARDRGNEELLEKAARLAEEAARQAEEIARQARKEGNLELALKALQILVNAAYVLAEI
ARDRGNEELLEKAARLAEEAARQAEEIARQARKEGNLELALKALQILVNAAYVLAEIARDRGNEELLEKAARLAEEAARQ
AEEIARQARKEGNLELALKALQILVNAAYVLAEIARDRGNEELLEKAARLAEEAARQAEEIARQARKEGNLELALKALQI
LVNAAYVLAEIARDRGNEELLEKAARLAEEAARQAEEIARQARKEGNLELALKALQILVNAAYVLAEIARDRGNEELLEK
AARLAEEAARQAEEIARQARKEGNLELALKALQILVNAAYVLAEIARDRGNEELLEKAARLAEEAARQAEEIARQARKEG
NLELALKALQILVNAAYVLAEIARDRGNEELLEKAARLAEEAARQAEEIARQARKEGNLELALKALQILVNAAYVLAEIA
RDRGNEELLEKAARLAEEAARQAEEIARQARKEG
;
_entity_poly.pdbx_strand_id   A
#
# COMPACT_ATOMS: atom_id res chain seq x y z
N GLY A 1 -25.76 -0.58 15.73
CA GLY A 1 -25.44 0.46 14.73
C GLY A 1 -23.95 0.86 14.75
N ASN A 2 -23.08 -0.11 14.55
CA ASN A 2 -21.61 0.10 14.53
C ASN A 2 -21.15 0.46 13.11
N LEU A 3 -21.16 1.76 12.78
CA LEU A 3 -20.79 2.21 11.43
C LEU A 3 -19.31 1.92 11.12
N GLU A 4 -18.42 2.08 12.08
CA GLU A 4 -16.96 1.84 11.84
C GLU A 4 -16.75 0.37 11.46
N LEU A 5 -17.42 -0.53 12.18
CA LEU A 5 -17.26 -1.95 11.89
C LEU A 5 -17.90 -2.31 10.56
N ALA A 6 -19.06 -1.71 10.24
CA ALA A 6 -19.67 -1.92 8.94
C ALA A 6 -18.74 -1.49 7.79
N LEU A 7 -18.10 -0.33 7.94
CA LEU A 7 -17.18 0.15 6.89
C LEU A 7 -15.98 -0.79 6.74
N LYS A 8 -15.45 -1.27 7.86
CA LYS A 8 -14.37 -2.26 7.76
C LYS A 8 -14.81 -3.47 6.94
N ALA A 9 -16.04 -3.95 7.16
CA ALA A 9 -16.55 -5.07 6.37
C ALA A 9 -16.68 -4.68 4.90
N LEU A 10 -17.14 -3.46 4.62
CA LEU A 10 -17.33 -3.04 3.22
C LEU A 10 -16.00 -2.90 2.51
N GLN A 11 -14.95 -2.44 3.21
CA GLN A 11 -13.64 -2.39 2.59
C GLN A 11 -13.15 -3.78 2.20
N ILE A 12 -13.36 -4.76 3.06
CA ILE A 12 -13.07 -6.15 2.70
C ILE A 12 -13.87 -6.56 1.47
N LEU A 13 -15.14 -6.16 1.42
CA LEU A 13 -15.97 -6.45 0.25
C LEU A 13 -15.35 -5.89 -1.03
N VAL A 14 -14.88 -4.64 -1.00
CA VAL A 14 -14.24 -4.03 -2.18
C VAL A 14 -12.96 -4.78 -2.52
N ASN A 15 -12.18 -5.14 -1.51
CA ASN A 15 -10.90 -5.82 -1.76
C ASN A 15 -11.14 -7.19 -2.38
N ALA A 16 -12.19 -7.90 -1.95
CA ALA A 16 -12.52 -9.18 -2.56
C ALA A 16 -13.00 -8.99 -4.00
N ALA A 17 -13.82 -7.96 -4.25
CA ALA A 17 -14.27 -7.67 -5.61
C ALA A 17 -13.08 -7.38 -6.53
N TYR A 18 -12.12 -6.59 -6.05
CA TYR A 18 -10.93 -6.31 -6.84
C TYR A 18 -10.22 -7.61 -7.22
N VAL A 19 -10.07 -8.55 -6.28
CA VAL A 19 -9.40 -9.81 -6.55
C VAL A 19 -10.19 -10.66 -7.54
N LEU A 20 -11.52 -10.70 -7.38
CA LEU A 20 -12.34 -11.45 -8.32
C LEU A 20 -12.27 -10.86 -9.72
N ALA A 21 -12.16 -9.54 -9.82
CA ALA A 21 -12.01 -8.91 -11.14
C ALA A 21 -10.72 -9.32 -11.80
N GLU A 22 -9.61 -9.37 -11.06
CA GLU A 22 -8.35 -9.84 -11.62
C GLU A 22 -8.45 -11.29 -12.06
N ILE A 23 -9.10 -12.14 -11.26
CA ILE A 23 -9.26 -13.55 -11.64
C ILE A 23 -10.18 -13.67 -12.85
N ALA A 24 -11.21 -12.84 -12.93
CA ALA A 24 -12.14 -12.91 -14.05
C ALA A 24 -11.45 -12.54 -15.36
N ARG A 25 -10.54 -11.56 -15.31
CA ARG A 25 -9.83 -11.13 -16.52
C ARG A 25 -8.88 -12.21 -17.01
N ASP A 26 -8.04 -12.72 -16.11
CA ASP A 26 -7.07 -13.75 -16.46
C ASP A 26 -7.71 -14.94 -17.19
N ARG A 27 -8.99 -15.19 -16.92
CA ARG A 27 -9.67 -16.38 -17.43
C ARG A 27 -10.78 -16.06 -18.44
N GLY A 28 -10.94 -14.79 -18.81
CA GLY A 28 -11.96 -14.40 -19.78
C GLY A 28 -13.38 -14.73 -19.37
N ASN A 29 -13.68 -14.66 -18.08
CA ASN A 29 -14.95 -15.12 -17.52
C ASN A 29 -15.83 -13.89 -17.31
N GLU A 30 -16.69 -13.60 -18.30
CA GLU A 30 -17.51 -12.39 -18.24
C GLU A 30 -18.53 -12.47 -17.11
N GLU A 31 -18.97 -13.67 -16.74
CA GLU A 31 -19.90 -13.81 -15.62
C GLU A 31 -19.24 -13.42 -14.31
N LEU A 32 -18.03 -13.90 -14.06
CA LEU A 32 -17.28 -13.54 -12.84
C LEU A 32 -17.03 -12.02 -12.80
N LEU A 33 -16.70 -11.39 -13.93
CA LEU A 33 -16.47 -9.93 -14.02
C LEU A 33 -17.74 -9.18 -13.59
N GLU A 34 -18.90 -9.64 -14.02
CA GLU A 34 -20.21 -9.04 -13.67
C GLU A 34 -20.42 -9.12 -12.16
N LYS A 35 -20.10 -10.27 -11.57
CA LYS A 35 -20.22 -10.51 -10.12
C LYS A 35 -19.30 -9.55 -9.36
N ALA A 36 -18.07 -9.37 -9.82
CA ALA A 36 -17.12 -8.47 -9.14
C ALA A 36 -17.66 -7.03 -9.19
N ALA A 37 -18.24 -6.64 -10.31
CA ALA A 37 -18.82 -5.30 -10.46
C ALA A 37 -19.97 -5.11 -9.47
N ARG A 38 -20.83 -6.11 -9.31
CA ARG A 38 -21.94 -5.96 -8.36
C ARG A 38 -21.40 -5.86 -6.93
N LEU A 39 -20.38 -6.62 -6.57
CA LEU A 39 -19.85 -6.52 -5.22
C LEU A 39 -19.30 -5.11 -4.97
N ALA A 40 -18.47 -4.62 -5.90
CA ALA A 40 -17.94 -3.26 -5.80
C ALA A 40 -19.06 -2.22 -5.74
N GLU A 41 -20.09 -2.38 -6.58
CA GLU A 41 -21.21 -1.45 -6.56
C GLU A 41 -21.98 -1.54 -5.25
N GLU A 42 -22.17 -2.75 -4.72
CA GLU A 42 -22.88 -2.90 -3.45
C GLU A 42 -22.10 -2.29 -2.31
N ALA A 43 -20.77 -2.48 -2.30
CA ALA A 43 -19.95 -1.82 -1.28
C ALA A 43 -20.08 -0.29 -1.36
N ALA A 44 -20.05 0.28 -2.57
CA ALA A 44 -20.17 1.73 -2.72
C ALA A 44 -21.57 2.21 -2.31
N ARG A 45 -22.60 1.45 -2.65
CA ARG A 45 -23.97 1.85 -2.29
C ARG A 45 -24.12 1.99 -0.77
N GLN A 46 -23.58 1.03 -0.01
CA GLN A 46 -23.72 1.09 1.44
C GLN A 46 -22.80 2.15 2.04
N ALA A 47 -21.60 2.30 1.46
CA ALA A 47 -20.67 3.30 1.95
C ALA A 47 -21.25 4.69 1.78
N GLU A 48 -21.91 4.94 0.65
CA GLU A 48 -22.48 6.26 0.42
C GLU A 48 -23.62 6.52 1.39
N GLU A 49 -24.39 5.48 1.73
CA GLU A 49 -25.42 5.63 2.76
C GLU A 49 -24.81 5.96 4.11
N ILE A 50 -23.73 5.27 4.46
CA ILE A 50 -23.04 5.48 5.76
C ILE A 50 -22.42 6.88 5.82
N ALA A 51 -21.87 7.35 4.70
CA ALA A 51 -21.28 8.70 4.58
C ALA A 51 -22.33 9.73 5.01
N ARG A 52 -23.55 9.59 4.51
CA ARG A 52 -24.66 10.53 4.81
C ARG A 52 -24.97 10.49 6.31
N GLN A 53 -25.13 9.31 6.88
CA GLN A 53 -25.41 9.18 8.32
C GLN A 53 -24.26 9.75 9.15
N ALA A 54 -23.04 9.45 8.77
CA ALA A 54 -21.88 9.96 9.53
C ALA A 54 -21.92 11.49 9.52
N ARG A 55 -22.14 12.10 8.38
CA ARG A 55 -22.12 13.56 8.35
C ARG A 55 -23.29 14.15 9.12
N LYS A 56 -24.48 13.57 9.00
CA LYS A 56 -25.62 14.05 9.79
C LYS A 56 -25.28 14.09 11.28
N GLU A 57 -24.56 13.09 11.77
CA GLU A 57 -24.14 13.01 13.16
C GLU A 57 -22.87 13.81 13.45
N GLY A 58 -22.23 14.39 12.44
CA GLY A 58 -21.00 15.13 12.68
C GLY A 58 -19.78 14.29 12.98
N ASN A 59 -19.75 13.02 12.54
CA ASN A 59 -18.56 12.19 12.67
C ASN A 59 -17.80 12.25 11.34
N LEU A 60 -17.01 13.31 11.19
CA LEU A 60 -16.32 13.52 9.92
C LEU A 60 -15.27 12.44 9.67
N GLU A 61 -14.67 11.90 10.72
CA GLU A 61 -13.69 10.83 10.56
C GLU A 61 -14.32 9.60 9.92
N LEU A 62 -15.46 9.17 10.44
CA LEU A 62 -16.19 8.05 9.85
C LEU A 62 -16.55 8.35 8.41
N ALA A 63 -17.06 9.55 8.15
CA ALA A 63 -17.49 9.91 6.80
C ALA A 63 -16.34 9.80 5.82
N LEU A 64 -15.14 10.26 6.21
CA LEU A 64 -13.99 10.13 5.32
C LEU A 64 -13.66 8.66 5.04
N LYS A 65 -13.77 7.80 6.06
CA LYS A 65 -13.53 6.38 5.79
C LYS A 65 -14.55 5.84 4.81
N ALA A 66 -15.79 6.32 4.87
CA ALA A 66 -16.78 5.90 3.87
C ALA A 66 -16.40 6.38 2.48
N LEU A 67 -15.96 7.64 2.37
CA LEU A 67 -15.59 8.18 1.07
C LEU A 67 -14.43 7.39 0.46
N GLN A 68 -13.47 6.94 1.29
CA GLN A 68 -12.38 6.13 0.76
C GLN A 68 -12.88 4.85 0.10
N ILE A 69 -13.98 4.28 0.64
CA ILE A 69 -14.53 3.06 0.04
C ILE A 69 -15.18 3.38 -1.30
N LEU A 70 -15.87 4.51 -1.40
CA LEU A 70 -16.36 4.99 -2.69
C LEU A 70 -15.24 5.05 -3.73
N VAL A 71 -14.09 5.58 -3.34
CA VAL A 71 -12.96 5.73 -4.25
C VAL A 71 -12.42 4.36 -4.67
N ASN A 72 -12.17 3.48 -3.68
CA ASN A 72 -11.69 2.13 -3.98
C ASN A 72 -12.68 1.38 -4.84
N ALA A 73 -13.98 1.54 -4.57
CA ALA A 73 -15.01 0.94 -5.42
C ALA A 73 -14.93 1.49 -6.84
N ALA A 74 -14.77 2.81 -6.97
CA ALA A 74 -14.64 3.41 -8.31
C ALA A 74 -13.43 2.86 -9.04
N TYR A 75 -12.29 2.74 -8.34
CA TYR A 75 -11.11 2.13 -8.94
C TYR A 75 -11.40 0.73 -9.47
N VAL A 76 -12.10 -0.09 -8.69
CA VAL A 76 -12.40 -1.45 -9.11
C VAL A 76 -13.29 -1.46 -10.34
N LEU A 77 -14.30 -0.58 -10.37
CA LEU A 77 -15.21 -0.52 -11.51
C LEU A 77 -14.51 -0.03 -12.77
N ALA A 78 -13.52 0.86 -12.61
CA ALA A 78 -12.80 1.32 -13.79
C ALA A 78 -11.88 0.24 -14.32
N GLU A 79 -11.25 -0.54 -13.41
CA GLU A 79 -10.40 -1.65 -13.85
C GLU A 79 -11.21 -2.68 -14.61
N ILE A 80 -12.43 -2.95 -14.16
CA ILE A 80 -13.31 -3.90 -14.83
C ILE A 80 -13.71 -3.38 -16.21
N ALA A 81 -13.96 -2.07 -16.32
CA ALA A 81 -14.56 -1.51 -17.53
C ALA A 81 -13.54 -1.28 -18.66
N ARG A 82 -12.26 -1.06 -18.34
CA ARG A 82 -11.38 -0.54 -19.39
C ARG A 82 -11.03 -1.60 -20.43
N ASP A 83 -10.97 -2.88 -20.04
CA ASP A 83 -10.71 -3.97 -20.98
C ASP A 83 -11.74 -3.93 -22.10
N ARG A 84 -13.00 -4.18 -21.78
CA ARG A 84 -14.09 -3.97 -22.72
C ARG A 84 -14.28 -2.47 -22.90
N GLY A 85 -15.31 -2.07 -23.63
CA GLY A 85 -15.54 -0.65 -23.76
C GLY A 85 -16.74 -0.20 -22.95
N ASN A 86 -16.77 -0.55 -21.66
CA ASN A 86 -18.01 -0.44 -20.89
C ASN A 86 -18.15 0.99 -20.38
N GLU A 87 -18.74 1.85 -21.22
CA GLU A 87 -18.94 3.25 -20.85
C GLU A 87 -19.90 3.39 -19.68
N GLU A 88 -20.89 2.52 -19.56
CA GLU A 88 -21.85 2.63 -18.47
C GLU A 88 -21.16 2.43 -17.11
N LEU A 89 -20.19 1.52 -17.06
CA LEU A 89 -19.44 1.28 -15.83
C LEU A 89 -18.44 2.39 -15.57
N LEU A 90 -17.80 2.90 -16.61
CA LEU A 90 -16.87 4.00 -16.41
C LEU A 90 -17.59 5.25 -15.95
N GLU A 91 -18.83 5.45 -16.40
CA GLU A 91 -19.58 6.61 -15.94
C GLU A 91 -19.93 6.47 -14.46
N LYS A 92 -20.35 5.28 -14.04
CA LYS A 92 -20.60 5.03 -12.62
C LYS A 92 -19.34 5.22 -11.79
N ALA A 93 -18.21 4.76 -12.31
CA ALA A 93 -16.96 4.95 -11.60
C ALA A 93 -16.60 6.42 -11.50
N ALA A 94 -16.75 7.18 -12.59
CA ALA A 94 -16.49 8.62 -12.52
C ALA A 94 -17.42 9.32 -11.54
N ARG A 95 -18.71 8.95 -11.56
CA ARG A 95 -19.67 9.58 -10.66
C ARG A 95 -19.26 9.38 -9.20
N LEU A 96 -18.89 8.15 -8.83
CA LEU A 96 -18.46 7.86 -7.46
C LEU A 96 -17.21 8.65 -7.09
N ALA A 97 -16.17 8.60 -7.92
CA ALA A 97 -14.95 9.34 -7.64
C ALA A 97 -15.20 10.85 -7.54
N GLU A 98 -16.04 11.40 -8.42
CA GLU A 98 -16.32 12.84 -8.33
C GLU A 98 -17.11 13.19 -7.08
N GLU A 99 -17.99 12.31 -6.64
CA GLU A 99 -18.81 12.54 -5.42
C GLU A 99 -17.87 12.51 -4.21
N ALA A 100 -16.96 11.55 -4.19
CA ALA A 100 -15.96 11.42 -3.11
C ALA A 100 -15.13 12.71 -3.02
N ALA A 101 -14.66 13.22 -4.15
CA ALA A 101 -13.83 14.44 -4.23
C ALA A 101 -14.62 15.63 -3.70
N ARG A 102 -15.88 15.73 -4.10
CA ARG A 102 -16.71 16.86 -3.68
C ARG A 102 -16.88 16.83 -2.16
N GLN A 103 -17.26 15.69 -1.64
CA GLN A 103 -17.47 15.55 -0.18
C GLN A 103 -16.14 15.75 0.54
N ALA A 104 -15.04 15.25 -0.01
CA ALA A 104 -13.75 15.48 0.63
C ALA A 104 -13.45 16.96 0.76
N GLU A 105 -13.74 17.74 -0.29
CA GLU A 105 -13.47 19.17 -0.25
C GLU A 105 -14.37 19.87 0.76
N GLU A 106 -15.62 19.41 0.87
CA GLU A 106 -16.58 19.96 1.86
C GLU A 106 -16.05 19.70 3.30
N ILE A 107 -15.59 18.49 3.57
CA ILE A 107 -15.06 18.11 4.90
C ILE A 107 -13.73 18.82 5.17
N ALA A 108 -12.88 18.99 4.16
CA ALA A 108 -11.63 19.74 4.36
C ALA A 108 -11.98 21.18 4.80
N ARG A 109 -12.93 21.81 4.12
CA ARG A 109 -13.41 23.17 4.44
C ARG A 109 -13.85 23.20 5.91
N GLN A 110 -14.79 22.33 6.27
CA GLN A 110 -15.32 22.27 7.64
C GLN A 110 -14.23 21.98 8.66
N ALA A 111 -13.37 20.99 8.39
CA ALA A 111 -12.27 20.69 9.32
C ALA A 111 -11.41 21.93 9.56
N ARG A 112 -11.08 22.68 8.50
CA ARG A 112 -10.21 23.83 8.66
C ARG A 112 -10.89 24.96 9.43
N LYS A 113 -12.21 25.14 9.25
CA LYS A 113 -12.92 26.13 10.04
C LYS A 113 -12.82 25.83 11.53
N GLU A 114 -12.98 24.57 11.91
CA GLU A 114 -12.92 24.16 13.31
C GLU A 114 -11.49 24.03 13.83
N GLY A 115 -10.48 24.34 13.01
CA GLY A 115 -9.09 24.25 13.43
C GLY A 115 -8.52 22.84 13.50
N ASN A 116 -9.17 21.85 12.90
CA ASN A 116 -8.75 20.45 13.00
C ASN A 116 -7.93 20.10 11.75
N LEU A 117 -6.63 20.40 11.83
CA LEU A 117 -5.75 20.30 10.66
C LEU A 117 -5.47 18.85 10.29
N GLU A 118 -5.39 17.97 11.28
CA GLU A 118 -5.16 16.55 10.99
C GLU A 118 -6.33 15.97 10.22
N LEU A 119 -7.56 16.29 10.63
CA LEU A 119 -8.74 15.87 9.88
C LEU A 119 -8.73 16.45 8.48
N ALA A 120 -8.34 17.72 8.34
CA ALA A 120 -8.35 18.33 7.01
C ALA A 120 -7.42 17.60 6.05
N LEU A 121 -6.22 17.23 6.53
CA LEU A 121 -5.26 16.52 5.68
C LEU A 121 -5.77 15.14 5.27
N LYS A 122 -6.50 14.46 6.16
CA LYS A 122 -7.12 13.19 5.81
C LYS A 122 -8.15 13.41 4.71
N ALA A 123 -8.90 14.52 4.77
CA ALA A 123 -9.82 14.81 3.68
C ALA A 123 -9.06 15.07 2.39
N LEU A 124 -7.92 15.78 2.48
CA LEU A 124 -7.15 16.06 1.26
C LEU A 124 -6.56 14.79 0.65
N GLN A 125 -6.19 13.80 1.47
CA GLN A 125 -5.69 12.54 0.91
C GLN A 125 -6.76 11.83 0.10
N ILE A 126 -8.00 11.84 0.59
CA ILE A 126 -9.12 11.28 -0.18
C ILE A 126 -9.29 12.04 -1.48
N LEU A 127 -9.18 13.37 -1.41
CA LEU A 127 -9.22 14.19 -2.62
C LEU A 127 -8.15 13.74 -3.63
N VAL A 128 -6.92 13.51 -3.16
CA VAL A 128 -5.85 13.06 -4.04
C VAL A 128 -6.17 11.68 -4.60
N ASN A 129 -6.66 10.78 -3.74
CA ASN A 129 -7.01 9.44 -4.19
C ASN A 129 -8.12 9.47 -5.23
N ALA A 130 -9.12 10.35 -5.04
CA ALA A 130 -10.20 10.42 -6.03
C ALA A 130 -9.68 10.98 -7.35
N ALA A 131 -8.79 11.97 -7.27
CA ALA A 131 -8.18 12.53 -8.48
C ALA A 131 -7.41 11.47 -9.25
N TYR A 132 -6.71 10.59 -8.54
CA TYR A 132 -5.99 9.50 -9.20
C TYR A 132 -6.94 8.59 -9.98
N VAL A 133 -8.07 8.20 -9.36
CA VAL A 133 -9.02 7.33 -10.03
C VAL A 133 -9.64 8.02 -11.23
N LEU A 134 -9.99 9.31 -11.07
CA LEU A 134 -10.53 10.07 -12.18
C LEU A 134 -9.54 10.17 -13.33
N ALA A 135 -8.25 10.35 -13.02
CA ALA A 135 -7.24 10.49 -14.06
C ALA A 135 -7.16 9.23 -14.92
N GLU A 136 -7.26 8.06 -14.29
CA GLU A 136 -7.29 6.82 -15.06
C GLU A 136 -8.51 6.79 -15.97
N ILE A 137 -9.70 7.03 -15.40
CA ILE A 137 -10.92 7.02 -16.20
C ILE A 137 -10.80 7.98 -17.38
N ALA A 138 -10.36 9.21 -17.11
CA ALA A 138 -10.25 10.21 -18.18
C ALA A 138 -9.24 9.77 -19.24
N ARG A 139 -8.17 9.09 -18.84
CA ARG A 139 -7.19 8.62 -19.81
C ARG A 139 -7.77 7.49 -20.65
N ASP A 140 -8.56 6.60 -20.03
CA ASP A 140 -9.24 5.56 -20.79
C ASP A 140 -10.11 6.18 -21.89
N ARG A 141 -11.00 7.08 -21.50
CA ARG A 141 -12.00 7.62 -22.41
C ARG A 141 -11.47 8.74 -23.31
N GLY A 142 -10.20 9.11 -23.20
CA GLY A 142 -9.66 10.21 -23.97
C GLY A 142 -10.43 11.49 -23.73
N ASN A 143 -10.95 11.63 -22.51
CA ASN A 143 -11.72 12.81 -22.11
C ASN A 143 -10.75 13.82 -21.48
N GLU A 144 -10.34 14.81 -22.28
CA GLU A 144 -9.43 15.82 -21.78
C GLU A 144 -10.09 16.73 -20.77
N GLU A 145 -11.40 16.98 -20.91
CA GLU A 145 -12.11 17.77 -19.91
C GLU A 145 -11.95 17.13 -18.53
N LEU A 146 -12.14 15.82 -18.45
CA LEU A 146 -12.09 15.13 -17.16
C LEU A 146 -10.65 14.99 -16.67
N LEU A 147 -9.70 14.80 -17.58
CA LEU A 147 -8.30 14.84 -17.17
C LEU A 147 -7.96 16.19 -16.54
N GLU A 148 -8.45 17.28 -17.14
CA GLU A 148 -8.23 18.60 -16.58
C GLU A 148 -8.84 18.71 -15.19
N LYS A 149 -10.02 18.11 -15.00
CA LYS A 149 -10.64 18.14 -13.67
C LYS A 149 -9.82 17.36 -12.65
N ALA A 150 -9.35 16.17 -13.02
CA ALA A 150 -8.49 15.40 -12.13
C ALA A 150 -7.25 16.20 -11.74
N ALA A 151 -6.60 16.84 -12.71
CA ALA A 151 -5.41 17.64 -12.41
C ALA A 151 -5.75 18.77 -11.45
N ARG A 152 -6.87 19.44 -11.67
CA ARG A 152 -7.25 20.52 -10.78
C ARG A 152 -7.57 20.02 -9.37
N LEU A 153 -8.18 18.84 -9.23
CA LEU A 153 -8.40 18.26 -7.91
C LEU A 153 -7.08 18.00 -7.19
N ALA A 154 -6.11 17.41 -7.89
CA ALA A 154 -4.81 17.14 -7.26
C ALA A 154 -4.10 18.44 -6.90
N GLU A 155 -4.18 19.45 -7.77
CA GLU A 155 -3.55 20.73 -7.47
C GLU A 155 -4.24 21.43 -6.31
N GLU A 156 -5.56 21.35 -6.22
CA GLU A 156 -6.21 21.95 -5.06
C GLU A 156 -5.74 21.27 -3.78
N ALA A 157 -5.60 19.94 -3.78
CA ALA A 157 -5.13 19.24 -2.60
C ALA A 157 -3.75 19.69 -2.19
N ALA A 158 -2.85 19.86 -3.18
CA ALA A 158 -1.48 20.28 -2.89
C ALA A 158 -1.45 21.72 -2.39
N ARG A 159 -2.30 22.57 -2.94
CA ARG A 159 -2.34 23.95 -2.51
C ARG A 159 -2.75 24.05 -1.05
N GLN A 160 -3.80 23.31 -0.66
CA GLN A 160 -4.23 23.37 0.73
C GLN A 160 -3.20 22.72 1.65
N ALA A 161 -2.58 21.63 1.22
CA ALA A 161 -1.58 20.97 2.05
C ALA A 161 -0.39 21.91 2.30
N GLU A 162 0.04 22.66 1.29
CA GLU A 162 1.08 23.68 1.49
C GLU A 162 0.66 24.69 2.56
N GLU A 163 -0.59 25.13 2.55
CA GLU A 163 -1.06 26.07 3.56
C GLU A 163 -1.05 25.45 4.94
N ILE A 164 -1.49 24.20 5.05
CA ILE A 164 -1.54 23.55 6.35
C ILE A 164 -0.14 23.29 6.89
N ALA A 165 0.82 22.96 6.02
CA ALA A 165 2.21 22.80 6.48
C ALA A 165 2.72 24.08 7.14
N ARG A 166 2.38 25.24 6.58
CA ARG A 166 2.82 26.52 7.17
C ARG A 166 2.15 26.77 8.52
N GLN A 167 0.85 26.49 8.62
CA GLN A 167 0.18 26.57 9.91
C GLN A 167 0.81 25.61 10.91
N ALA A 168 1.16 24.39 10.47
CA ALA A 168 1.74 23.40 11.36
C ALA A 168 3.08 23.87 11.91
N ARG A 169 3.94 24.42 11.04
CA ARG A 169 5.23 24.95 11.52
C ARG A 169 5.04 26.05 12.55
N LYS A 170 4.06 26.92 12.33
CA LYS A 170 3.82 28.03 13.25
C LYS A 170 3.41 27.54 14.64
N GLU A 171 2.72 26.40 14.71
CA GLU A 171 2.38 25.79 15.97
C GLU A 171 3.45 24.84 16.48
N GLY A 172 4.62 24.82 15.84
CA GLY A 172 5.70 23.92 16.24
C GLY A 172 5.46 22.46 16.00
N ASN A 173 4.40 22.10 15.26
CA ASN A 173 3.95 20.72 15.11
C ASN A 173 4.52 20.13 13.82
N LEU A 174 5.75 19.64 13.91
CA LEU A 174 6.45 19.17 12.71
C LEU A 174 5.91 17.84 12.21
N GLU A 175 5.36 17.01 13.11
CA GLU A 175 4.66 15.79 12.70
C GLU A 175 3.55 16.10 11.70
N LEU A 176 2.68 17.04 12.06
CA LEU A 176 1.61 17.48 11.18
C LEU A 176 2.16 18.08 9.89
N ALA A 177 3.22 18.88 9.99
CA ALA A 177 3.83 19.41 8.78
C ALA A 177 4.23 18.29 7.82
N LEU A 178 4.77 17.19 8.34
CA LEU A 178 5.18 16.08 7.48
C LEU A 178 3.99 15.39 6.82
N LYS A 179 2.88 15.24 7.53
CA LYS A 179 1.68 14.68 6.91
C LYS A 179 1.24 15.55 5.74
N ALA A 180 1.37 16.87 5.86
CA ALA A 180 1.06 17.77 4.75
C ALA A 180 2.02 17.54 3.58
N LEU A 181 3.33 17.39 3.88
CA LEU A 181 4.31 17.13 2.82
C LEU A 181 3.99 15.82 2.10
N GLN A 182 3.48 14.82 2.82
CA GLN A 182 3.10 13.58 2.15
C GLN A 182 1.97 13.81 1.16
N ILE A 183 1.05 14.73 1.47
CA ILE A 183 0.01 15.06 0.49
C ILE A 183 0.63 15.65 -0.76
N LEU A 184 1.63 16.53 -0.60
CA LEU A 184 2.30 17.13 -1.76
C LEU A 184 2.89 16.07 -2.66
N VAL A 185 3.59 15.10 -2.06
CA VAL A 185 4.21 14.02 -2.83
C VAL A 185 3.15 13.23 -3.56
N ASN A 186 2.06 12.86 -2.86
CA ASN A 186 1.02 12.08 -3.50
C ASN A 186 0.33 12.87 -4.61
N ALA A 187 0.12 14.17 -4.39
CA ALA A 187 -0.45 15.01 -5.46
C ALA A 187 0.49 15.08 -6.65
N ALA A 188 1.80 15.20 -6.37
CA ALA A 188 2.79 15.26 -7.45
C ALA A 188 2.77 13.98 -8.27
N TYR A 189 2.61 12.84 -7.61
CA TYR A 189 2.54 11.58 -8.34
C TYR A 189 1.33 11.53 -9.27
N VAL A 190 0.18 12.05 -8.82
CA VAL A 190 -1.01 12.07 -9.68
C VAL A 190 -0.78 13.00 -10.87
N LEU A 191 -0.18 14.18 -10.64
CA LEU A 191 0.03 15.12 -11.73
C LEU A 191 0.96 14.54 -12.78
N ALA A 192 2.06 13.91 -12.33
CA ALA A 192 2.99 13.28 -13.25
C ALA A 192 2.31 12.18 -14.05
N GLU A 193 1.44 11.40 -13.40
CA GLU A 193 0.69 10.37 -14.10
C GLU A 193 -0.23 10.97 -15.15
N ILE A 194 -0.85 12.11 -14.85
CA ILE A 194 -1.72 12.82 -15.82
C ILE A 194 -0.88 13.40 -16.95
N ALA A 195 0.29 13.96 -16.63
CA ALA A 195 1.21 14.62 -17.59
C ALA A 195 1.85 13.62 -18.56
N ARG A 196 1.86 12.33 -18.24
CA ARG A 196 2.36 11.14 -18.98
C ARG A 196 1.30 10.62 -19.97
N ASP A 197 0.30 11.45 -20.30
CA ASP A 197 -0.77 11.37 -21.32
C ASP A 197 -0.34 12.37 -22.39
N ARG A 198 0.95 12.31 -22.68
CA ARG A 198 1.74 12.98 -23.72
C ARG A 198 1.98 14.47 -23.51
N GLY A 199 3.25 14.71 -23.23
CA GLY A 199 3.99 15.97 -23.09
C GLY A 199 3.25 17.12 -22.47
N ASN A 200 2.55 16.92 -21.37
CA ASN A 200 2.10 18.15 -20.72
C ASN A 200 3.30 18.63 -19.90
N GLU A 201 4.20 19.41 -20.53
CA GLU A 201 5.42 19.80 -19.85
C GLU A 201 5.13 20.70 -18.65
N GLU A 202 4.10 21.54 -18.75
CA GLU A 202 3.78 22.45 -17.65
C GLU A 202 3.23 21.70 -16.44
N LEU A 203 2.50 20.60 -16.66
CA LEU A 203 2.06 19.76 -15.55
C LEU A 203 3.23 19.02 -14.92
N LEU A 204 4.11 18.45 -15.76
CA LEU A 204 5.27 17.75 -15.23
C LEU A 204 6.15 18.67 -14.41
N GLU A 205 6.35 19.91 -14.86
CA GLU A 205 7.15 20.86 -14.11
C GLU A 205 6.47 21.22 -12.79
N LYS A 206 5.14 21.33 -12.79
CA LYS A 206 4.42 21.52 -11.53
C LYS A 206 4.63 20.32 -10.60
N ALA A 207 4.51 19.11 -11.14
CA ALA A 207 4.71 17.92 -10.32
C ALA A 207 6.13 17.89 -9.75
N ALA A 208 7.12 18.28 -10.54
CA ALA A 208 8.50 18.26 -10.07
C ALA A 208 8.73 19.29 -8.97
N ARG A 209 8.14 20.48 -9.09
CA ARG A 209 8.30 21.48 -8.04
C ARG A 209 7.71 20.98 -6.71
N LEU A 210 6.51 20.40 -6.75
CA LEU A 210 5.90 19.85 -5.54
C LEU A 210 6.78 18.79 -4.89
N ALA A 211 7.22 17.82 -5.68
CA ALA A 211 8.04 16.74 -5.12
C ALA A 211 9.35 17.29 -4.55
N GLU A 212 9.98 18.24 -5.25
CA GLU A 212 11.21 18.83 -4.76
C GLU A 212 10.98 19.67 -3.50
N GLU A 213 9.87 20.40 -3.47
CA GLU A 213 9.50 21.14 -2.27
C GLU A 213 9.37 20.21 -1.07
N ALA A 214 8.73 19.04 -1.25
CA ALA A 214 8.61 18.09 -0.15
C ALA A 214 9.95 17.48 0.22
N ALA A 215 10.79 17.17 -0.77
CA ALA A 215 12.09 16.58 -0.48
C ALA A 215 12.94 17.54 0.34
N ARG A 216 13.03 18.79 -0.11
CA ARG A 216 13.84 19.80 0.56
C ARG A 216 13.42 19.96 2.01
N GLN A 217 12.12 20.06 2.26
CA GLN A 217 11.66 20.27 3.63
C GLN A 217 11.76 18.99 4.47
N ALA A 218 11.50 17.83 3.88
CA ALA A 218 11.66 16.59 4.64
C ALA A 218 13.11 16.40 5.08
N GLU A 219 14.06 16.72 4.18
CA GLU A 219 15.48 16.56 4.52
C GLU A 219 15.88 17.50 5.64
N GLU A 220 15.44 18.76 5.59
CA GLU A 220 15.76 19.69 6.67
C GLU A 220 15.09 19.29 7.98
N ILE A 221 13.82 18.87 7.93
CA ILE A 221 13.14 18.44 9.17
C ILE A 221 13.82 17.22 9.76
N ALA A 222 14.25 16.27 8.91
CA ALA A 222 14.97 15.11 9.42
C ALA A 222 16.28 15.53 10.09
N ARG A 223 17.03 16.44 9.47
CA ARG A 223 18.31 16.86 10.04
C ARG A 223 18.13 17.48 11.41
N GLN A 224 17.13 18.37 11.55
CA GLN A 224 16.91 19.08 12.81
C GLN A 224 16.38 18.13 13.88
N ALA A 225 15.42 17.29 13.52
CA ALA A 225 14.85 16.33 14.49
C ALA A 225 15.98 15.43 15.00
N ARG A 226 16.89 15.02 14.15
CA ARG A 226 17.99 14.13 14.58
C ARG A 226 18.95 14.90 15.49
N LYS A 227 19.17 16.20 15.24
CA LYS A 227 20.16 16.94 16.06
C LYS A 227 19.61 17.18 17.46
N GLU A 228 18.29 17.27 17.57
CA GLU A 228 17.52 17.48 18.81
C GLU A 228 17.20 16.13 19.47
N GLY A 229 17.75 15.03 18.97
CA GLY A 229 17.48 13.70 19.52
C GLY A 229 16.08 13.20 19.31
N ASN A 230 15.33 13.68 18.32
CA ASN A 230 13.95 13.13 18.11
C ASN A 230 13.98 12.13 16.93
N LEU A 231 14.42 10.91 17.19
CA LEU A 231 14.61 9.85 16.17
C LEU A 231 13.30 9.41 15.49
N GLU A 232 12.21 9.30 16.23
CA GLU A 232 10.89 8.91 15.67
C GLU A 232 10.48 9.92 14.59
N LEU A 233 10.68 11.20 14.85
CA LEU A 233 10.34 12.29 13.89
C LEU A 233 11.26 12.25 12.67
N ALA A 234 12.55 12.06 12.91
CA ALA A 234 13.51 12.01 11.81
C ALA A 234 13.17 10.90 10.81
N LEU A 235 12.74 9.73 11.29
CA LEU A 235 12.43 8.62 10.38
C LEU A 235 11.19 8.92 9.54
N LYS A 236 10.13 9.46 10.16
CA LYS A 236 8.96 9.88 9.39
C LYS A 236 9.35 10.83 8.27
N ALA A 237 10.27 11.76 8.56
CA ALA A 237 10.74 12.71 7.56
C ALA A 237 11.54 12.01 6.46
N LEU A 238 12.37 11.04 6.85
CA LEU A 238 13.15 10.28 5.87
C LEU A 238 12.27 9.43 4.96
N GLN A 239 11.15 8.89 5.50
CA GLN A 239 10.22 8.19 4.63
C GLN A 239 9.66 9.12 3.54
N ILE A 240 9.33 10.35 3.92
CA ILE A 240 8.80 11.29 2.93
C ILE A 240 9.87 11.66 1.92
N LEU A 241 11.12 11.81 2.38
CA LEU A 241 12.22 12.04 1.46
C LEU A 241 12.32 10.92 0.44
N VAL A 242 12.20 9.67 0.89
CA VAL A 242 12.23 8.52 -0.03
C VAL A 242 11.04 8.56 -0.97
N ASN A 243 9.85 8.90 -0.47
CA ASN A 243 8.68 8.94 -1.34
C ASN A 243 8.81 10.05 -2.39
N ALA A 244 9.35 11.21 -1.99
CA ALA A 244 9.60 12.30 -2.93
C ALA A 244 10.60 11.89 -4.01
N ALA A 245 11.68 11.20 -3.61
CA ALA A 245 12.68 10.76 -4.57
C ALA A 245 12.09 9.79 -5.58
N TYR A 246 11.19 8.92 -5.11
CA TYR A 246 10.50 8.00 -6.02
C TYR A 246 9.71 8.76 -7.09
N VAL A 247 9.03 9.83 -6.70
CA VAL A 247 8.22 10.55 -7.68
C VAL A 247 9.13 11.30 -8.64
N LEU A 248 10.19 11.92 -8.11
CA LEU A 248 11.18 12.60 -8.95
C LEU A 248 11.79 11.64 -9.96
N ALA A 249 12.02 10.38 -9.58
CA ALA A 249 12.59 9.41 -10.51
C ALA A 249 11.61 9.09 -11.64
N GLU A 250 10.34 8.97 -11.30
CA GLU A 250 9.28 8.72 -12.32
C GLU A 250 9.25 9.94 -13.26
N ILE A 251 9.23 11.14 -12.71
CA ILE A 251 9.23 12.34 -13.58
C ILE A 251 10.49 12.31 -14.46
N ALA A 252 11.65 12.15 -13.84
CA ALA A 252 12.94 12.10 -14.57
C ALA A 252 12.87 11.03 -15.66
N ARG A 253 12.41 9.83 -15.30
CA ARG A 253 12.29 8.72 -16.29
CA ARG A 253 12.16 8.75 -16.28
C ARG A 253 11.50 8.93 -17.62
N ASP A 254 10.45 9.72 -17.43
CA ASP A 254 9.50 10.14 -18.40
CA ASP A 254 9.62 10.14 -18.59
C ASP A 254 9.97 11.33 -19.49
N ARG A 255 10.71 12.14 -18.76
CA ARG A 255 11.22 13.34 -19.44
C ARG A 255 12.67 13.12 -19.88
N GLY A 256 13.13 11.86 -19.81
CA GLY A 256 14.48 11.49 -20.20
C GLY A 256 15.59 12.27 -19.55
N ASN A 257 15.32 12.91 -18.42
CA ASN A 257 16.30 13.77 -17.76
C ASN A 257 17.20 12.89 -16.88
N GLU A 258 18.40 12.60 -17.38
CA GLU A 258 19.36 11.80 -16.63
C GLU A 258 19.85 12.54 -15.39
N GLU A 259 19.86 13.86 -15.46
CA GLU A 259 20.32 14.76 -14.36
C GLU A 259 19.39 14.56 -13.16
N LEU A 260 18.09 14.72 -13.36
CA LEU A 260 17.07 14.57 -12.30
C LEU A 260 17.08 13.12 -11.79
N LEU A 261 17.23 12.15 -12.67
CA LEU A 261 17.33 10.74 -12.26
C LEU A 261 18.42 10.63 -11.20
N GLU A 262 19.61 11.15 -11.49
CA GLU A 262 20.76 11.11 -10.55
C GLU A 262 20.43 11.87 -9.26
N LYS A 263 19.76 13.01 -9.35
CA LYS A 263 19.38 13.76 -8.13
C LYS A 263 18.45 12.88 -7.28
N ALA A 264 17.42 12.32 -7.88
CA ALA A 264 16.52 11.44 -7.14
C ALA A 264 17.28 10.30 -6.45
N ALA A 265 18.29 9.74 -7.12
CA ALA A 265 19.04 8.64 -6.52
C ALA A 265 19.87 9.11 -5.34
N ARG A 266 20.47 10.30 -5.45
CA ARG A 266 21.22 10.84 -4.32
C ARG A 266 20.30 11.08 -3.12
N LEU A 267 19.08 11.58 -3.34
CA LEU A 267 18.16 11.76 -2.22
C LEU A 267 17.86 10.43 -1.54
N ALA A 268 17.57 9.39 -2.33
CA ALA A 268 17.26 8.08 -1.78
C ALA A 268 18.44 7.53 -0.98
N GLU A 269 19.66 7.69 -1.51
CA GLU A 269 20.86 7.25 -0.80
C GLU A 269 21.08 8.05 0.48
N GLU A 270 20.83 9.36 0.44
CA GLU A 270 20.99 10.16 1.65
C GLU A 270 20.01 9.73 2.73
N ALA A 271 18.77 9.47 2.35
CA ALA A 271 17.78 8.96 3.30
C ALA A 271 18.24 7.63 3.91
N ALA A 272 18.76 6.72 3.08
CA ALA A 272 19.20 5.41 3.56
C ALA A 272 20.38 5.53 4.51
N ARG A 273 21.32 6.43 4.21
CA ARG A 273 22.46 6.63 5.10
C ARG A 273 22.01 7.14 6.47
N GLN A 274 21.07 8.09 6.49
CA GLN A 274 20.58 8.64 7.77
C GLN A 274 19.83 7.54 8.55
N ALA A 275 19.03 6.73 7.87
CA ALA A 275 18.25 5.64 8.48
C ALA A 275 19.18 4.60 9.11
N GLU A 276 20.25 4.30 8.42
CA GLU A 276 21.27 3.33 8.87
C GLU A 276 21.84 3.80 10.21
N GLU A 277 22.18 5.09 10.30
CA GLU A 277 22.74 5.67 11.55
C GLU A 277 21.67 5.64 12.64
N ILE A 278 20.43 5.96 12.30
CA ILE A 278 19.34 5.95 13.31
C ILE A 278 19.13 4.51 13.83
N ALA A 279 19.10 3.51 12.94
CA ALA A 279 18.96 2.13 13.37
C ALA A 279 20.05 1.74 14.35
N ARG A 280 21.30 2.10 14.06
CA ARG A 280 22.39 1.76 14.97
C ARG A 280 22.21 2.43 16.32
N GLN A 281 21.81 3.70 16.32
CA GLN A 281 21.58 4.41 17.57
C GLN A 281 20.41 3.80 18.33
N ALA A 282 19.32 3.49 17.64
CA ALA A 282 18.15 2.94 18.32
C ALA A 282 18.48 1.60 18.97
N ARG A 283 19.22 0.74 18.27
CA ARG A 283 19.59 -0.53 18.88
C ARG A 283 20.54 -0.34 20.06
N LYS A 284 21.41 0.67 20.01
CA LYS A 284 22.27 0.96 21.16
C LYS A 284 21.45 1.26 22.39
N GLU A 285 20.37 2.04 22.23
CA GLU A 285 19.48 2.40 23.31
C GLU A 285 18.47 1.30 23.65
N GLY A 286 18.45 0.22 22.89
CA GLY A 286 17.51 -0.86 23.16
C GLY A 286 16.13 -0.66 22.59
N ASN A 287 15.95 0.26 21.65
CA ASN A 287 14.61 0.59 21.12
C ASN A 287 14.40 -0.16 19.80
N LEU A 288 13.92 -1.41 19.92
CA LEU A 288 13.90 -2.31 18.76
C LEU A 288 12.80 -1.92 17.77
N GLU A 289 11.67 -1.41 18.25
CA GLU A 289 10.62 -0.97 17.34
C GLU A 289 11.10 0.20 16.48
N LEU A 290 11.75 1.17 17.12
CA LEU A 290 12.43 2.25 16.40
C LEU A 290 13.40 1.71 15.36
N ALA A 291 14.25 0.76 15.76
CA ALA A 291 15.26 0.23 14.86
C ALA A 291 14.62 -0.40 13.63
N LEU A 292 13.54 -1.16 13.83
CA LEU A 292 12.89 -1.81 12.69
C LEU A 292 12.29 -0.78 11.74
N LYS A 293 11.69 0.29 12.27
CA LYS A 293 11.20 1.36 11.42
C LYS A 293 12.32 1.93 10.56
N ALA A 294 13.52 2.10 11.14
CA ALA A 294 14.67 2.56 10.35
C ALA A 294 15.01 1.57 9.24
N LEU A 295 14.96 0.26 9.54
CA LEU A 295 15.34 -0.74 8.55
C LEU A 295 14.37 -0.75 7.36
N GLN A 296 13.07 -0.49 7.61
CA GLN A 296 12.12 -0.46 6.50
C GLN A 296 12.40 0.71 5.55
N ILE A 297 12.92 1.82 6.07
CA ILE A 297 13.36 2.91 5.20
C ILE A 297 14.53 2.47 4.35
N LEU A 298 15.46 1.68 4.91
CA LEU A 298 16.56 1.15 4.13
C LEU A 298 16.04 0.34 2.95
N VAL A 299 15.04 -0.52 3.21
CA VAL A 299 14.45 -1.34 2.16
C VAL A 299 13.74 -0.45 1.14
N ASN A 300 13.00 0.56 1.62
CA ASN A 300 12.29 1.45 0.70
C ASN A 300 13.26 2.25 -0.15
N ALA A 301 14.33 2.76 0.45
CA ALA A 301 15.36 3.43 -0.33
C ALA A 301 15.99 2.49 -1.35
N ALA A 302 16.27 1.24 -0.96
CA ALA A 302 16.87 0.30 -1.89
C ALA A 302 15.92 -0.03 -3.03
N TYR A 303 14.63 -0.08 -2.73
CA TYR A 303 13.66 -0.35 -3.79
C TYR A 303 13.65 0.78 -4.81
N VAL A 304 13.72 2.03 -4.34
CA VAL A 304 13.75 3.18 -5.25
C VAL A 304 15.00 3.14 -6.12
N LEU A 305 16.16 2.90 -5.51
CA LEU A 305 17.41 2.86 -6.26
C LEU A 305 17.36 1.78 -7.35
N ALA A 306 16.81 0.62 -7.02
CA ALA A 306 16.73 -0.46 -8.01
C ALA A 306 15.81 -0.10 -9.16
N GLU A 307 14.73 0.64 -8.87
CA GLU A 307 13.83 1.08 -9.93
C GLU A 307 14.52 2.09 -10.83
N ILE A 308 15.21 3.06 -10.24
CA ILE A 308 16.00 4.01 -11.03
C ILE A 308 16.96 3.26 -11.94
N ALA A 309 17.63 2.24 -11.41
CA ALA A 309 18.62 1.50 -12.18
C ALA A 309 18.01 0.67 -13.30
N ARG A 310 16.69 0.45 -13.27
CA ARG A 310 16.01 -0.48 -14.18
C ARG A 310 16.43 -0.40 -15.64
N ASP A 311 16.03 0.69 -16.32
CA ASP A 311 16.15 0.74 -17.77
C ASP A 311 17.57 0.42 -18.24
N ARG A 312 18.57 1.04 -17.62
CA ARG A 312 19.93 1.05 -18.15
C ARG A 312 20.90 0.16 -17.39
N GLY A 313 20.42 -0.69 -16.48
CA GLY A 313 21.28 -1.58 -15.71
C GLY A 313 22.47 -0.89 -15.03
N ASN A 314 22.19 0.22 -14.33
CA ASN A 314 23.18 1.03 -13.62
C ASN A 314 23.94 0.21 -12.58
N GLU A 315 25.24 0.01 -12.82
CA GLU A 315 26.01 -0.92 -12.00
C GLU A 315 26.17 -0.43 -10.57
N GLU A 316 26.47 0.86 -10.36
CA GLU A 316 26.69 1.31 -8.99
C GLU A 316 25.40 1.28 -8.18
N LEU A 317 24.29 1.73 -8.77
CA LEU A 317 23.04 1.82 -8.00
C LEU A 317 22.52 0.43 -7.64
N LEU A 318 22.57 -0.51 -8.59
CA LEU A 318 22.11 -1.87 -8.30
C LEU A 318 22.95 -2.51 -7.20
N GLU A 319 24.26 -2.27 -7.20
CA GLU A 319 25.01 -2.85 -6.10
C GLU A 319 24.80 -2.09 -4.80
N LYS A 320 24.58 -0.77 -4.86
CA LYS A 320 24.21 -0.03 -3.65
C LYS A 320 22.90 -0.54 -3.09
N ALA A 321 21.89 -0.67 -3.95
CA ALA A 321 20.59 -1.17 -3.50
C ALA A 321 20.72 -2.57 -2.90
N ALA A 322 21.56 -3.42 -3.50
CA ALA A 322 21.74 -4.76 -2.96
C ALA A 322 22.30 -4.73 -1.55
N ARG A 323 23.31 -3.90 -1.30
CA ARG A 323 23.91 -3.88 0.03
C ARG A 323 22.94 -3.32 1.06
N LEU A 324 22.12 -2.35 0.68
CA LEU A 324 21.14 -1.81 1.64
C LEU A 324 20.11 -2.87 2.03
N ALA A 325 19.61 -3.62 1.05
CA ALA A 325 18.59 -4.62 1.36
C ALA A 325 19.16 -5.76 2.19
N GLU A 326 20.39 -6.19 1.88
CA GLU A 326 21.04 -7.24 2.68
C GLU A 326 21.32 -6.76 4.09
N GLU A 327 21.76 -5.51 4.24
CA GLU A 327 21.95 -4.95 5.57
C GLU A 327 20.66 -5.02 6.38
N ALA A 328 19.54 -4.61 5.78
CA ALA A 328 18.26 -4.66 6.49
C ALA A 328 17.83 -6.09 6.80
N ALA A 329 18.06 -7.02 5.87
CA ALA A 329 17.69 -8.41 6.10
C ALA A 329 18.45 -8.98 7.28
N ARG A 330 19.76 -8.74 7.33
CA ARG A 330 20.57 -9.29 8.43
C ARG A 330 20.13 -8.72 9.77
N GLN A 331 19.93 -7.41 9.83
CA GLN A 331 19.53 -6.82 11.11
C GLN A 331 18.14 -7.28 11.51
N ALA A 332 17.23 -7.45 10.54
CA ALA A 332 15.90 -7.95 10.87
C ALA A 332 15.96 -9.38 11.43
N GLU A 333 16.79 -10.24 10.84
CA GLU A 333 17.01 -11.59 11.37
C GLU A 333 17.52 -11.56 12.80
N GLU A 334 18.55 -10.74 13.07
CA GLU A 334 19.07 -10.57 14.43
C GLU A 334 17.98 -10.13 15.41
N ILE A 335 17.17 -9.14 15.02
CA ILE A 335 16.17 -8.59 15.93
C ILE A 335 15.04 -9.60 16.13
N ALA A 336 14.61 -10.27 15.06
CA ALA A 336 13.63 -11.35 15.18
C ALA A 336 14.09 -12.38 16.20
N ARG A 337 15.37 -12.79 16.12
CA ARG A 337 15.91 -13.78 17.02
C ARG A 337 15.90 -13.30 18.48
N GLN A 338 16.34 -12.07 18.71
CA GLN A 338 16.33 -11.52 20.07
C GLN A 338 14.90 -11.33 20.57
N ALA A 339 14.01 -10.80 19.72
CA ALA A 339 12.61 -10.65 20.10
C ALA A 339 11.99 -11.99 20.50
N ARG A 340 12.33 -13.06 19.79
CA ARG A 340 11.74 -14.35 20.15
C ARG A 340 12.33 -14.88 21.45
N LYS A 341 13.63 -14.64 21.70
CA LYS A 341 14.21 -15.02 22.98
C LYS A 341 13.55 -14.30 24.14
N GLU A 342 13.19 -13.02 23.95
CA GLU A 342 12.56 -12.22 24.97
C GLU A 342 11.04 -12.36 25.01
N GLY A 343 10.50 -13.36 24.29
CA GLY A 343 9.07 -13.58 24.29
C GLY A 343 8.23 -12.49 23.66
N ASN A 344 8.81 -11.63 22.81
CA ASN A 344 8.07 -10.51 22.22
C ASN A 344 7.72 -10.85 20.78
N LEU A 345 6.59 -11.58 20.63
CA LEU A 345 6.26 -12.19 19.35
C LEU A 345 5.75 -11.18 18.32
N GLU A 346 5.08 -10.10 18.76
CA GLU A 346 4.66 -9.07 17.82
C GLU A 346 5.86 -8.36 17.22
N LEU A 347 6.84 -8.03 18.06
CA LEU A 347 8.07 -7.43 17.57
C LEU A 347 8.77 -8.38 16.60
N ALA A 348 8.80 -9.68 16.93
CA ALA A 348 9.43 -10.66 16.04
C ALA A 348 8.76 -10.68 14.66
N LEU A 349 7.43 -10.55 14.62
CA LEU A 349 6.73 -10.61 13.35
C LEU A 349 7.01 -9.36 12.50
N LYS A 350 7.08 -8.19 13.15
CA LYS A 350 7.46 -6.97 12.44
C LYS A 350 8.84 -7.11 11.82
N ALA A 351 9.74 -7.80 12.53
CA ALA A 351 11.07 -8.03 11.98
C ALA A 351 11.02 -8.98 10.78
N LEU A 352 10.19 -10.02 10.85
CA LEU A 352 10.10 -10.93 9.70
C LEU A 352 9.51 -10.24 8.48
N GLN A 353 8.58 -9.31 8.69
CA GLN A 353 8.01 -8.54 7.58
C GLN A 353 9.07 -7.70 6.88
N ILE A 354 9.99 -7.09 7.64
CA ILE A 354 11.10 -6.39 7.02
C ILE A 354 11.98 -7.37 6.26
N LEU A 355 12.17 -8.56 6.83
CA LEU A 355 12.93 -9.60 6.13
C LEU A 355 12.29 -9.96 4.80
N VAL A 356 10.95 -10.12 4.76
CA VAL A 356 10.26 -10.42 3.50
C VAL A 356 10.41 -9.28 2.50
N ASN A 357 10.30 -8.03 2.98
CA ASN A 357 10.40 -6.88 2.09
C ASN A 357 11.82 -6.73 1.54
N ALA A 358 12.82 -6.95 2.39
CA ALA A 358 14.19 -6.97 1.89
C ALA A 358 14.37 -8.03 0.83
N ALA A 359 13.85 -9.24 1.09
CA ALA A 359 13.99 -10.34 0.15
C ALA A 359 13.34 -10.00 -1.19
N TYR A 360 12.20 -9.32 -1.16
CA TYR A 360 11.56 -8.91 -2.40
C TYR A 360 12.45 -7.97 -3.20
N VAL A 361 13.09 -6.99 -2.54
CA VAL A 361 13.95 -6.08 -3.30
C VAL A 361 15.19 -6.81 -3.84
N LEU A 362 15.75 -7.75 -3.06
CA LEU A 362 16.89 -8.51 -3.56
C LEU A 362 16.51 -9.37 -4.76
N ALA A 363 15.31 -9.96 -4.75
CA ALA A 363 14.88 -10.77 -5.89
C ALA A 363 14.71 -9.93 -7.15
N GLU A 364 14.23 -8.70 -7.01
CA GLU A 364 14.17 -7.79 -8.15
C GLU A 364 15.56 -7.54 -8.74
N ILE A 365 16.53 -7.23 -7.88
CA ILE A 365 17.90 -6.97 -8.34
C ILE A 365 18.50 -8.22 -8.96
N ALA A 366 18.34 -9.36 -8.27
CA ALA A 366 18.86 -10.61 -8.79
C ALA A 366 18.27 -10.92 -10.16
N ARG A 367 16.97 -10.67 -10.32
CA ARG A 367 16.32 -10.91 -11.61
C ARG A 367 16.92 -10.04 -12.71
N ASP A 368 16.99 -8.73 -12.49
CA ASP A 368 17.53 -7.82 -13.51
C ASP A 368 18.96 -8.17 -13.89
N ARG A 369 19.74 -8.73 -12.96
CA ARG A 369 21.13 -9.05 -13.20
C ARG A 369 21.35 -10.47 -13.69
N GLY A 370 20.31 -11.30 -13.76
CA GLY A 370 20.50 -12.72 -13.98
C GLY A 370 21.44 -13.35 -12.97
N ASN A 371 21.37 -12.90 -11.72
CA ASN A 371 22.29 -13.33 -10.67
C ASN A 371 21.65 -14.50 -9.93
N GLU A 372 22.10 -15.71 -10.25
CA GLU A 372 21.49 -16.92 -9.70
C GLU A 372 21.66 -17.02 -8.18
N GLU A 373 22.85 -16.68 -7.68
CA GLU A 373 23.12 -16.81 -6.24
C GLU A 373 22.26 -15.84 -5.44
N LEU A 374 22.11 -14.61 -5.92
CA LEU A 374 21.31 -13.63 -5.18
C LEU A 374 19.84 -14.01 -5.20
N LEU A 375 19.34 -14.52 -6.33
CA LEU A 375 17.97 -15.04 -6.36
C LEU A 375 17.80 -16.12 -5.31
N GLU A 376 18.75 -17.05 -5.25
CA GLU A 376 18.70 -18.13 -4.26
C GLU A 376 18.77 -17.59 -2.84
N LYS A 377 19.62 -16.58 -2.62
CA LYS A 377 19.68 -15.94 -1.32
C LYS A 377 18.35 -15.28 -0.97
N ALA A 378 17.71 -14.63 -1.95
CA ALA A 378 16.40 -14.02 -1.69
C ALA A 378 15.38 -15.07 -1.30
N ALA A 379 15.36 -16.20 -2.01
CA ALA A 379 14.40 -17.26 -1.68
C ALA A 379 14.64 -17.81 -0.28
N ARG A 380 15.91 -17.96 0.12
CA ARG A 380 16.19 -18.43 1.48
C ARG A 380 15.69 -17.45 2.54
N LEU A 381 15.84 -16.15 2.30
CA LEU A 381 15.28 -15.17 3.23
C LEU A 381 13.76 -15.32 3.32
N ALA A 382 13.11 -15.41 2.16
CA ALA A 382 11.65 -15.54 2.17
C ALA A 382 11.22 -16.84 2.84
N GLU A 383 11.97 -17.92 2.62
CA GLU A 383 11.61 -19.19 3.23
C GLU A 383 11.89 -19.19 4.72
N GLU A 384 12.96 -18.50 5.14
CA GLU A 384 13.21 -18.33 6.57
C GLU A 384 12.05 -17.59 7.25
N ALA A 385 11.55 -16.53 6.62
CA ALA A 385 10.45 -15.79 7.21
C ALA A 385 9.20 -16.65 7.31
N ALA A 386 8.88 -17.39 6.26
CA ALA A 386 7.68 -18.21 6.23
C ALA A 386 7.72 -19.28 7.31
N ARG A 387 8.89 -19.90 7.50
CA ARG A 387 9.04 -20.92 8.52
C ARG A 387 8.86 -20.33 9.92
N GLN A 388 9.49 -19.19 10.18
CA GLN A 388 9.32 -18.59 11.50
C GLN A 388 7.88 -18.12 11.70
N ALA A 389 7.24 -17.59 10.65
CA ALA A 389 5.84 -17.19 10.75
C ALA A 389 4.95 -18.36 11.13
N GLU A 390 5.16 -19.54 10.53
CA GLU A 390 4.22 -20.60 10.85
C GLU A 390 4.50 -21.18 12.24
N GLU A 391 5.76 -21.11 12.70
CA GLU A 391 6.05 -21.46 14.08
C GLU A 391 5.34 -20.53 15.06
N ILE A 392 5.41 -19.21 14.80
CA ILE A 392 4.73 -18.27 15.68
C ILE A 392 3.22 -18.45 15.59
N ALA A 393 2.68 -18.63 14.39
CA ALA A 393 1.26 -18.91 14.22
C ALA A 393 0.83 -20.14 15.03
N ARG A 394 1.59 -21.24 14.89
CA ARG A 394 1.25 -22.48 15.59
C ARG A 394 1.21 -22.25 17.10
N GLN A 395 2.21 -21.57 17.64
CA GLN A 395 2.24 -21.34 19.07
C GLN A 395 1.14 -20.37 19.50
N ALA A 396 0.88 -19.35 18.67
CA ALA A 396 -0.17 -18.40 19.00
C ALA A 396 -1.52 -19.10 19.10
N ARG A 397 -1.83 -19.96 18.13
CA ARG A 397 -3.12 -20.66 18.16
C ARG A 397 -3.19 -21.62 19.34
N LYS A 398 -2.07 -22.27 19.68
CA LYS A 398 -2.05 -23.17 20.83
C LYS A 398 -2.44 -22.43 22.10
N GLU A 399 -1.97 -21.20 22.28
CA GLU A 399 -2.30 -20.40 23.45
C GLU A 399 -3.57 -19.56 23.28
N GLY A 400 -4.24 -19.66 22.14
CA GLY A 400 -5.49 -18.92 21.95
C GLY A 400 -5.34 -17.44 21.65
N ASN A 401 -4.15 -17.01 21.23
CA ASN A 401 -3.92 -15.61 20.82
C ASN A 401 -4.16 -15.51 19.30
N LEU A 402 -5.42 -15.39 18.93
CA LEU A 402 -5.84 -15.40 17.52
C LEU A 402 -5.33 -14.18 16.73
N GLU A 403 -5.29 -13.00 17.35
CA GLU A 403 -4.81 -11.79 16.64
C GLU A 403 -3.35 -11.96 16.25
N LEU A 404 -2.57 -12.50 17.19
CA LEU A 404 -1.14 -12.76 16.92
C LEU A 404 -1.04 -13.79 15.80
N ALA A 405 -1.83 -14.86 15.86
CA ALA A 405 -1.81 -15.88 14.83
C ALA A 405 -2.08 -15.29 13.44
N LEU A 406 -3.10 -14.43 13.34
CA LEU A 406 -3.45 -13.81 12.06
C LEU A 406 -2.32 -12.91 11.53
N LYS A 407 -1.67 -12.17 12.42
CA LYS A 407 -0.52 -11.36 12.00
C LYS A 407 0.59 -12.25 11.46
N ALA A 408 0.81 -13.43 12.07
CA ALA A 408 1.80 -14.37 11.54
C ALA A 408 1.39 -14.93 10.19
N LEU A 409 0.10 -15.25 10.01
CA LEU A 409 -0.37 -15.77 8.72
C LEU A 409 -0.24 -14.72 7.60
N GLN A 410 -0.35 -13.43 7.95
CA GLN A 410 -0.13 -12.38 6.96
C GLN A 410 1.33 -12.37 6.48
N ILE A 411 2.29 -12.56 7.40
CA ILE A 411 3.70 -12.71 7.01
C ILE A 411 3.86 -13.85 6.02
N LEU A 412 3.21 -14.98 6.32
CA LEU A 412 3.26 -16.17 5.46
C LEU A 412 2.74 -15.86 4.06
N VAL A 413 1.61 -15.15 3.97
CA VAL A 413 1.09 -14.73 2.67
C VAL A 413 2.10 -13.84 1.94
N ASN A 414 2.71 -12.91 2.67
CA ASN A 414 3.67 -12.01 2.02
C ASN A 414 4.91 -12.77 1.56
N ALA A 415 5.38 -13.74 2.35
CA ALA A 415 6.53 -14.52 1.94
C ALA A 415 6.21 -15.40 0.73
N ALA A 416 5.00 -15.96 0.70
CA ALA A 416 4.60 -16.74 -0.47
C ALA A 416 4.61 -15.87 -1.72
N TYR A 417 4.15 -14.62 -1.61
CA TYR A 417 4.16 -13.71 -2.75
C TYR A 417 5.59 -13.51 -3.28
N VAL A 418 6.55 -13.30 -2.37
CA VAL A 418 7.94 -13.12 -2.78
C VAL A 418 8.46 -14.40 -3.43
N LEU A 419 8.17 -15.56 -2.83
CA LEU A 419 8.63 -16.82 -3.40
C LEU A 419 8.00 -17.07 -4.76
N ALA A 420 6.72 -16.73 -4.91
CA ALA A 420 6.09 -16.82 -6.23
C ALA A 420 6.84 -16.00 -7.26
N GLU A 421 7.25 -14.77 -6.89
CA GLU A 421 7.94 -13.91 -7.85
C GLU A 421 9.30 -14.47 -8.22
N ILE A 422 10.03 -15.02 -7.26
CA ILE A 422 11.29 -15.69 -7.57
C ILE A 422 11.03 -16.90 -8.47
N ALA A 423 9.95 -17.63 -8.19
CA ALA A 423 9.60 -18.79 -9.01
C ALA A 423 9.34 -18.39 -10.45
N ARG A 424 8.67 -17.25 -10.66
CA ARG A 424 8.56 -16.70 -12.01
C ARG A 424 9.93 -16.41 -12.61
N ASP A 425 10.83 -15.83 -11.82
CA ASP A 425 12.15 -15.42 -12.31
C ASP A 425 13.02 -16.60 -12.74
N ARG A 426 12.72 -17.82 -12.28
CA ARG A 426 13.46 -19.00 -12.70
C ARG A 426 12.65 -19.93 -13.59
N GLY A 427 11.41 -19.57 -13.92
CA GLY A 427 10.55 -20.49 -14.66
C GLY A 427 10.44 -21.86 -14.02
N ASN A 428 10.41 -21.92 -12.69
CA ASN A 428 10.43 -23.18 -11.96
C ASN A 428 9.02 -23.53 -11.47
N GLU A 429 8.38 -24.47 -12.16
CA GLU A 429 7.03 -24.89 -11.79
C GLU A 429 6.99 -25.41 -10.36
N GLU A 430 8.03 -26.12 -9.93
CA GLU A 430 8.01 -26.71 -8.60
C GLU A 430 7.97 -25.63 -7.53
N LEU A 431 8.87 -24.65 -7.61
CA LEU A 431 8.87 -23.57 -6.63
C LEU A 431 7.55 -22.80 -6.65
N LEU A 432 7.01 -22.60 -7.84
CA LEU A 432 5.74 -21.90 -7.98
C LEU A 432 4.63 -22.64 -7.24
N GLU A 433 4.59 -23.96 -7.40
CA GLU A 433 3.59 -24.75 -6.69
C GLU A 433 3.83 -24.74 -5.18
N LYS A 434 5.10 -24.68 -4.75
CA LYS A 434 5.38 -24.56 -3.32
C LYS A 434 4.91 -23.21 -2.76
N ALA A 435 5.06 -22.13 -3.53
CA ALA A 435 4.57 -20.84 -3.04
C ALA A 435 3.06 -20.87 -2.89
N ALA A 436 2.37 -21.48 -3.86
CA ALA A 436 0.92 -21.56 -3.81
C ALA A 436 0.47 -22.33 -2.58
N ARG A 437 1.21 -23.37 -2.20
CA ARG A 437 0.78 -24.15 -1.04
C ARG A 437 1.00 -23.39 0.26
N LEU A 438 2.02 -22.53 0.30
CA LEU A 438 2.24 -21.65 1.47
C LEU A 438 1.01 -20.74 1.62
N ALA A 439 0.61 -20.10 0.52
CA ALA A 439 -0.56 -19.21 0.50
C ALA A 439 -1.84 -19.98 0.84
N GLU A 440 -1.98 -21.20 0.34
CA GLU A 440 -3.17 -22.03 0.62
C GLU A 440 -3.22 -22.39 2.11
N GLU A 441 -2.07 -22.67 2.71
CA GLU A 441 -2.04 -23.02 4.15
C GLU A 441 -2.50 -21.80 4.94
N ALA A 442 -1.95 -20.64 4.62
CA ALA A 442 -2.34 -19.41 5.34
C ALA A 442 -3.86 -19.19 5.23
N ALA A 443 -4.38 -19.31 4.02
CA ALA A 443 -5.81 -19.14 3.80
C ALA A 443 -6.63 -20.14 4.59
N ARG A 444 -6.15 -21.39 4.63
CA ARG A 444 -6.88 -22.43 5.36
C ARG A 444 -6.94 -22.14 6.85
N GLN A 445 -5.82 -21.72 7.45
CA GLN A 445 -5.86 -21.39 8.86
C GLN A 445 -6.70 -20.14 9.11
N ALA A 446 -6.64 -19.18 8.18
CA ALA A 446 -7.41 -17.96 8.37
C ALA A 446 -8.91 -18.23 8.32
N GLU A 447 -9.34 -19.16 7.47
CA GLU A 447 -10.76 -19.53 7.41
C GLU A 447 -11.22 -20.14 8.71
N GLU A 448 -10.43 -21.04 9.29
CA GLU A 448 -10.78 -21.65 10.57
C GLU A 448 -10.82 -20.61 11.68
N ILE A 449 -9.89 -19.66 11.67
CA ILE A 449 -9.91 -18.62 12.70
C ILE A 449 -11.13 -17.71 12.52
N ALA A 450 -11.47 -17.37 11.27
CA ALA A 450 -12.69 -16.60 11.03
C ALA A 450 -13.91 -17.33 11.59
N ARG A 451 -13.97 -18.65 11.40
CA ARG A 451 -15.08 -19.45 11.91
C ARG A 451 -15.12 -19.44 13.44
N GLN A 452 -13.96 -19.60 14.08
CA GLN A 452 -13.90 -19.54 15.53
C GLN A 452 -14.28 -18.15 16.05
N ALA A 453 -13.81 -17.09 15.37
CA ALA A 453 -14.15 -15.74 15.77
C ALA A 453 -15.67 -15.53 15.71
N ARG A 454 -16.28 -15.90 14.59
CA ARG A 454 -17.72 -15.70 14.45
C ARG A 454 -18.52 -16.53 15.44
N LYS A 455 -18.04 -17.74 15.75
CA LYS A 455 -18.75 -18.55 16.75
C LYS A 455 -18.77 -17.86 18.11
N GLU A 456 -17.71 -17.14 18.45
CA GLU A 456 -17.67 -16.40 19.71
C GLU A 456 -18.35 -15.03 19.62
N GLY A 457 -18.83 -14.63 18.44
CA GLY A 457 -19.38 -13.30 18.27
C GLY A 457 -18.37 -12.18 18.09
N ASN A 458 -17.11 -12.50 17.80
CA ASN A 458 -16.03 -11.50 17.67
C ASN A 458 -15.86 -11.14 16.19
N LEU A 459 -16.64 -10.15 15.76
CA LEU A 459 -16.69 -9.82 14.34
C LEU A 459 -15.49 -9.01 13.89
N GLU A 460 -14.91 -8.19 14.78
CA GLU A 460 -13.66 -7.49 14.48
C GLU A 460 -12.56 -8.47 14.14
N LEU A 461 -12.40 -9.50 14.98
CA LEU A 461 -11.43 -10.55 14.71
C LEU A 461 -11.75 -11.27 13.40
N ALA A 462 -13.02 -11.60 13.15
CA ALA A 462 -13.33 -12.35 11.94
C ALA A 462 -12.98 -11.55 10.68
N LEU A 463 -13.22 -10.22 10.71
CA LEU A 463 -12.87 -9.39 9.56
C LEU A 463 -11.37 -9.41 9.29
N LYS A 464 -10.55 -9.34 10.33
CA LYS A 464 -9.10 -9.46 10.12
C LYS A 464 -8.76 -10.79 9.44
N ALA A 465 -9.44 -11.87 9.85
CA ALA A 465 -9.20 -13.15 9.20
C ALA A 465 -9.64 -13.11 7.74
N LEU A 466 -10.79 -12.49 7.45
CA LEU A 466 -11.25 -12.40 6.07
C LEU A 466 -10.26 -11.65 5.19
N GLN A 467 -9.60 -10.62 5.73
CA GLN A 467 -8.63 -9.87 4.93
C GLN A 467 -7.46 -10.75 4.53
N ILE A 468 -7.03 -11.63 5.42
CA ILE A 468 -5.99 -12.60 5.06
C ILE A 468 -6.49 -13.52 3.95
N LEU A 469 -7.76 -13.93 4.01
CA LEU A 469 -8.32 -14.72 2.91
C LEU A 469 -8.21 -13.98 1.59
N VAL A 470 -8.58 -12.69 1.60
CA VAL A 470 -8.48 -11.90 0.39
C VAL A 470 -7.04 -11.85 -0.10
N ASN A 471 -6.11 -11.56 0.82
CA ASN A 471 -4.71 -11.41 0.43
C ASN A 471 -4.15 -12.73 -0.08
N ALA A 472 -4.53 -13.85 0.56
CA ALA A 472 -4.09 -15.14 0.07
C ALA A 472 -4.64 -15.42 -1.33
N ALA A 473 -5.93 -15.12 -1.53
CA ALA A 473 -6.54 -15.34 -2.84
C ALA A 473 -5.84 -14.50 -3.90
N TYR A 474 -5.44 -13.28 -3.55
CA TYR A 474 -4.69 -12.44 -4.48
C TYR A 474 -3.34 -13.07 -4.84
N VAL A 475 -2.67 -13.71 -3.88
CA VAL A 475 -1.40 -14.35 -4.20
C VAL A 475 -1.62 -15.53 -5.13
N LEU A 476 -2.64 -16.34 -4.85
CA LEU A 476 -2.95 -17.45 -5.74
C LEU A 476 -3.27 -16.96 -7.15
N ALA A 477 -3.91 -15.80 -7.28
CA ALA A 477 -4.23 -15.29 -8.61
C ALA A 477 -2.97 -14.85 -9.32
N GLU A 478 -2.03 -14.25 -8.58
CA GLU A 478 -0.75 -13.84 -9.16
C GLU A 478 0.07 -15.04 -9.60
N ILE A 479 -0.07 -16.18 -8.93
CA ILE A 479 0.69 -17.37 -9.30
C ILE A 479 0.13 -17.99 -10.57
N ALA A 480 -1.20 -18.06 -10.67
CA ALA A 480 -1.79 -18.62 -11.88
C ALA A 480 -1.74 -17.66 -13.06
N ARG A 481 -1.20 -16.46 -12.86
CA ARG A 481 -1.32 -15.39 -13.85
C ARG A 481 -0.43 -15.68 -15.06
N ASP A 482 -1.01 -15.57 -16.25
CA ASP A 482 -0.32 -15.79 -17.53
C ASP A 482 0.21 -17.21 -17.67
N ARG A 483 -0.28 -18.15 -16.86
CA ARG A 483 0.10 -19.55 -16.97
C ARG A 483 -1.05 -20.46 -17.42
N GLY A 484 -2.27 -19.94 -17.51
CA GLY A 484 -3.43 -20.78 -17.72
C GLY A 484 -3.59 -21.86 -16.69
N ASN A 485 -3.56 -21.51 -15.41
CA ASN A 485 -3.80 -22.49 -14.34
C ASN A 485 -5.24 -22.36 -13.91
N GLU A 486 -6.10 -23.24 -14.44
CA GLU A 486 -7.52 -23.14 -14.12
C GLU A 486 -7.83 -23.62 -12.71
N GLU A 487 -7.14 -24.69 -12.27
CA GLU A 487 -7.32 -25.21 -10.93
C GLU A 487 -7.02 -24.16 -9.87
N LEU A 488 -5.95 -23.39 -10.08
CA LEU A 488 -5.52 -22.42 -9.09
C LEU A 488 -6.41 -21.20 -9.10
N LEU A 489 -6.86 -20.76 -10.28
CA LEU A 489 -7.76 -19.62 -10.35
C LEU A 489 -9.07 -19.91 -9.63
N GLU A 490 -9.55 -21.15 -9.73
CA GLU A 490 -10.77 -21.54 -9.05
C GLU A 490 -10.61 -21.52 -7.53
N LYS A 491 -9.46 -21.97 -7.02
CA LYS A 491 -9.23 -21.88 -5.58
C LYS A 491 -9.14 -20.42 -5.14
N ALA A 492 -8.48 -19.59 -5.95
CA ALA A 492 -8.40 -18.17 -5.65
C ALA A 492 -9.79 -17.53 -5.64
N ALA A 493 -10.59 -17.79 -6.68
CA ALA A 493 -11.94 -17.23 -6.76
C ALA A 493 -12.79 -17.69 -5.59
N ARG A 494 -12.61 -18.95 -5.17
CA ARG A 494 -13.36 -19.50 -4.06
C ARG A 494 -13.04 -18.75 -2.76
N LEU A 495 -11.77 -18.47 -2.51
CA LEU A 495 -11.39 -17.73 -1.30
C LEU A 495 -11.99 -16.32 -1.30
N ALA A 496 -11.88 -15.61 -2.43
CA ALA A 496 -12.34 -14.23 -2.46
C ALA A 496 -13.87 -14.13 -2.34
N GLU A 497 -14.61 -15.09 -2.93
CA GLU A 497 -16.05 -15.13 -2.75
C GLU A 497 -16.46 -15.56 -1.34
N GLU A 498 -15.65 -16.39 -0.68
CA GLU A 498 -15.88 -16.69 0.73
C GLU A 498 -15.79 -15.42 1.58
N ALA A 499 -14.68 -14.67 1.43
CA ALA A 499 -14.50 -13.42 2.16
C ALA A 499 -15.62 -12.43 1.84
N ALA A 500 -16.00 -12.32 0.56
CA ALA A 500 -17.06 -11.40 0.17
C ALA A 500 -18.37 -11.72 0.88
N ARG A 501 -18.78 -12.99 0.86
CA ARG A 501 -20.06 -13.37 1.46
C ARG A 501 -20.06 -13.14 2.96
N GLN A 502 -18.96 -13.45 3.64
CA GLN A 502 -18.94 -13.25 5.08
C GLN A 502 -18.85 -11.76 5.43
N ALA A 503 -18.09 -10.99 4.64
CA ALA A 503 -18.07 -9.54 4.86
C ALA A 503 -19.45 -8.95 4.74
N GLU A 504 -20.27 -9.45 3.80
CA GLU A 504 -21.62 -8.93 3.65
C GLU A 504 -22.48 -9.21 4.88
N GLU A 505 -22.41 -10.44 5.40
CA GLU A 505 -23.13 -10.78 6.62
C GLU A 505 -22.69 -9.89 7.79
N ILE A 506 -21.39 -9.64 7.92
CA ILE A 506 -20.92 -8.86 9.06
C ILE A 506 -21.34 -7.40 8.93
N ALA A 507 -21.29 -6.86 7.71
CA ALA A 507 -21.78 -5.50 7.49
C ALA A 507 -23.24 -5.37 7.92
N ARG A 508 -24.06 -6.36 7.58
CA ARG A 508 -25.47 -6.33 7.95
C ARG A 508 -25.65 -6.33 9.47
N GLN A 509 -24.92 -7.20 10.18
CA GLN A 509 -25.05 -7.25 11.63
C GLN A 509 -24.54 -5.96 12.27
N ALA A 510 -23.44 -5.40 11.74
CA ALA A 510 -22.91 -4.17 12.30
C ALA A 510 -23.88 -3.01 12.12
N ARG A 511 -24.62 -3.00 11.01
CA ARG A 511 -25.60 -1.93 10.73
C ARG A 511 -26.81 -2.10 11.65
N LYS A 512 -27.22 -3.32 11.95
CA LYS A 512 -28.30 -3.56 12.95
C LYS A 512 -27.87 -2.93 14.27
N GLU A 513 -26.64 -3.19 14.69
CA GLU A 513 -26.04 -2.62 15.91
C GLU A 513 -25.88 -1.10 15.73
#